data_6DGB
#
_entry.id   6DGB
#
_cell.length_a   52.560
_cell.length_b   54.180
_cell.length_c   104.280
_cell.angle_alpha   90.000
_cell.angle_beta   90.000
_cell.angle_gamma   90.000
#
_symmetry.space_group_name_H-M   'P 21 21 21'
#
loop_
_entity.id
_entity.type
_entity.pdbx_description
1 polymer 'IS607 family transposase IS1535'
2 water water
#
_entity_poly.entity_id   1
_entity_poly.type   'polypeptide(L)'
_entity_poly.pdbx_seq_one_letter_code
;GVVLYARVSSHDRRSDLDRQVARLTAWATERDLGVGQVVCEVGSGLNGKRPKLRRILSDPDARVIVVEHRDRLARFGVEH
LEAALSAQGRRIVVADPGETTDDLVCDMIEVLTGMCARLYGRRGARNRAMRAVTEAKREPGAG
;
_entity_poly.pdbx_strand_id   A,B
#
# COMPACT_ATOMS: atom_id res chain seq x y z
N VAL A 2 -15.62 15.69 7.92
CA VAL A 2 -15.35 15.37 6.52
C VAL A 2 -14.03 16.04 6.19
N VAL A 3 -13.07 15.27 5.67
CA VAL A 3 -11.74 15.75 5.32
C VAL A 3 -11.58 15.67 3.83
N LEU A 4 -11.21 16.79 3.19
CA LEU A 4 -10.96 16.78 1.77
C LEU A 4 -9.45 16.65 1.68
N TYR A 5 -8.95 15.66 0.91
CA TYR A 5 -7.53 15.39 0.82
C TYR A 5 -7.00 15.36 -0.63
N ALA A 6 -5.95 16.15 -0.90
CA ALA A 6 -5.26 16.32 -2.19
C ALA A 6 -3.80 15.93 -2.05
N ARG A 7 -3.28 15.17 -3.02
CA ARG A 7 -1.88 14.77 -3.04
C ARG A 7 -1.23 14.94 -4.42
N VAL A 8 0.07 15.23 -4.39
CA VAL A 8 0.95 15.37 -5.54
C VAL A 8 2.37 14.79 -5.17
N SER A 9 3.06 14.15 -6.15
CA SER A 9 4.38 13.52 -5.94
C SER A 9 5.54 14.49 -5.74
N SER A 10 5.71 15.45 -6.67
CA SER A 10 6.78 16.44 -6.66
C SER A 10 6.21 17.82 -6.60
N HIS A 11 6.96 18.79 -5.99
CA HIS A 11 6.49 20.16 -5.93
C HIS A 11 6.75 20.90 -7.26
N ASP A 12 6.53 20.17 -8.36
CA ASP A 12 6.58 20.59 -9.76
C ASP A 12 5.13 20.51 -10.26
N ARG A 13 4.36 19.53 -9.71
CA ARG A 13 2.96 19.24 -10.05
C ARG A 13 1.93 20.03 -9.21
N ARG A 14 2.36 21.10 -8.51
CA ARG A 14 1.53 21.95 -7.65
C ARG A 14 0.22 22.50 -8.29
N SER A 15 0.14 22.47 -9.65
CA SER A 15 -1.07 22.89 -10.36
C SER A 15 -2.17 21.80 -10.28
N ASP A 16 -1.78 20.49 -10.18
CA ASP A 16 -2.70 19.35 -10.04
C ASP A 16 -3.37 19.38 -8.67
N LEU A 17 -2.71 20.00 -7.67
CA LEU A 17 -3.24 20.22 -6.33
C LEU A 17 -4.39 21.24 -6.43
N ASP A 18 -4.33 22.19 -7.39
CA ASP A 18 -5.41 23.15 -7.58
C ASP A 18 -6.60 22.48 -8.25
N ARG A 19 -6.36 21.64 -9.25
CA ARG A 19 -7.40 20.88 -9.93
C ARG A 19 -8.15 19.92 -8.95
N GLN A 20 -7.41 19.37 -7.95
CA GLN A 20 -7.92 18.49 -6.89
C GLN A 20 -8.77 19.27 -5.88
N VAL A 21 -8.25 20.36 -5.29
CA VAL A 21 -8.96 21.22 -4.35
C VAL A 21 -10.26 21.73 -4.98
N ALA A 22 -10.23 22.13 -6.26
CA ALA A 22 -11.39 22.63 -6.99
C ALA A 22 -12.47 21.56 -7.14
N ARG A 23 -12.10 20.38 -7.67
CA ARG A 23 -13.04 19.26 -7.82
C ARG A 23 -13.59 18.83 -6.43
N LEU A 24 -12.73 18.78 -5.37
CA LEU A 24 -13.11 18.44 -3.99
C LEU A 24 -14.10 19.39 -3.30
N THR A 25 -13.97 20.72 -3.55
CA THR A 25 -14.89 21.69 -2.97
C THR A 25 -16.16 21.73 -3.76
N ALA A 26 -16.11 21.38 -5.06
CA ALA A 26 -17.31 21.29 -5.89
C ALA A 26 -18.13 20.13 -5.32
N TRP A 27 -17.43 19.02 -4.97
CA TRP A 27 -18.02 17.81 -4.38
C TRP A 27 -18.74 18.20 -3.08
N ALA A 28 -18.02 18.85 -2.14
CA ALA A 28 -18.57 19.27 -0.87
C ALA A 28 -19.74 20.23 -0.95
N THR A 29 -19.70 21.28 -1.82
CA THR A 29 -20.78 22.27 -1.96
C THR A 29 -22.05 21.71 -2.58
N GLU A 30 -21.92 20.68 -3.46
CA GLU A 30 -23.04 19.99 -4.10
C GLU A 30 -23.95 19.32 -3.07
N ARG A 31 -23.37 18.84 -1.94
CA ARG A 31 -24.11 18.21 -0.84
C ARG A 31 -24.22 19.14 0.38
N ASP A 32 -23.99 20.48 0.16
CA ASP A 32 -23.92 21.57 1.15
C ASP A 32 -23.35 21.01 2.47
N LEU A 33 -22.07 20.64 2.43
CA LEU A 33 -21.32 20.04 3.53
C LEU A 33 -20.23 20.93 4.08
N GLY A 34 -20.17 21.00 5.40
CA GLY A 34 -19.11 21.73 6.10
C GLY A 34 -17.81 20.97 5.98
N VAL A 35 -16.73 21.71 5.69
CA VAL A 35 -15.40 21.11 5.55
C VAL A 35 -14.52 21.62 6.67
N GLY A 36 -14.01 20.65 7.44
CA GLY A 36 -13.13 20.87 8.58
C GLY A 36 -11.69 20.98 8.14
N GLN A 37 -11.34 20.25 7.05
CA GLN A 37 -9.97 20.26 6.56
C GLN A 37 -9.81 20.04 5.04
N VAL A 38 -9.35 21.08 4.28
CA VAL A 38 -8.96 20.88 2.88
C VAL A 38 -7.41 20.69 2.90
N VAL A 39 -6.96 19.42 2.93
CA VAL A 39 -5.58 19.02 3.14
C VAL A 39 -4.82 18.75 1.84
N CYS A 40 -3.73 19.50 1.62
CA CYS A 40 -2.87 19.36 0.45
C CYS A 40 -1.57 18.79 0.91
N GLU A 41 -1.11 17.72 0.27
CA GLU A 41 0.13 17.09 0.63
C GLU A 41 1.02 16.87 -0.60
N VAL A 42 2.35 16.95 -0.41
CA VAL A 42 3.39 16.62 -1.41
C VAL A 42 4.13 15.39 -0.83
N GLY A 43 4.09 14.29 -1.57
CA GLY A 43 4.67 13.04 -1.06
C GLY A 43 4.44 11.86 -1.97
N SER A 44 5.08 10.73 -1.62
CA SER A 44 5.09 9.45 -2.35
C SER A 44 3.73 8.78 -2.41
N GLY A 45 3.39 8.23 -3.59
CA GLY A 45 2.14 7.50 -3.73
C GLY A 45 2.23 6.13 -3.10
N LEU A 46 3.41 5.78 -2.56
CA LEU A 46 3.72 4.48 -1.96
C LEU A 46 4.15 4.57 -0.49
N GLY A 48 7.12 6.22 0.77
CA GLY A 48 7.61 7.34 1.55
C GLY A 48 6.56 8.03 2.41
N LYS A 49 7.02 8.52 3.59
CA LYS A 49 6.25 9.22 4.65
C LYS A 49 5.34 10.37 4.17
N ARG A 50 4.14 10.42 4.77
CA ARG A 50 3.10 11.39 4.53
C ARG A 50 2.42 11.66 5.85
N PRO A 51 2.98 12.62 6.61
CA PRO A 51 2.47 12.90 7.97
C PRO A 51 1.11 13.53 8.05
N LYS A 52 0.66 14.19 6.96
CA LYS A 52 -0.66 14.82 6.87
C LYS A 52 -1.74 13.71 6.82
N LEU A 53 -1.50 12.64 6.00
CA LEU A 53 -2.41 11.49 5.87
C LEU A 53 -2.36 10.60 7.11
N ARG A 54 -1.18 10.52 7.76
CA ARG A 54 -0.99 9.78 9.00
C ARG A 54 -1.89 10.41 10.06
N ARG A 55 -1.79 11.73 10.24
CA ARG A 55 -2.58 12.53 11.18
C ARG A 55 -4.09 12.32 10.92
N ILE A 56 -4.52 12.39 9.65
CA ILE A 56 -5.91 12.17 9.21
C ILE A 56 -6.36 10.74 9.58
N LEU A 57 -5.57 9.68 9.22
CA LEU A 57 -5.94 8.31 9.51
C LEU A 57 -5.93 7.98 11.00
N SER A 58 -5.02 8.58 11.77
CA SER A 58 -4.96 8.35 13.22
C SER A 58 -6.02 9.14 13.98
N ASP A 59 -6.69 10.14 13.35
CA ASP A 59 -7.76 10.92 13.98
C ASP A 59 -9.10 10.21 13.81
N PRO A 60 -9.72 9.68 14.88
CA PRO A 60 -11.01 8.96 14.73
C PRO A 60 -12.18 9.86 14.34
N ASP A 61 -12.02 11.20 14.48
CA ASP A 61 -13.03 12.19 14.14
C ASP A 61 -13.19 12.35 12.62
N ALA A 62 -12.13 11.99 11.82
CA ALA A 62 -12.13 12.08 10.34
C ALA A 62 -12.90 10.87 9.84
N ARG A 63 -14.25 10.95 9.95
CA ARG A 63 -15.17 9.88 9.59
C ARG A 63 -15.24 9.67 8.08
N VAL A 64 -15.15 10.76 7.30
CA VAL A 64 -15.20 10.71 5.85
C VAL A 64 -13.95 11.37 5.29
N ILE A 65 -13.24 10.64 4.46
CA ILE A 65 -12.01 11.08 3.82
C ILE A 65 -12.28 11.07 2.31
N VAL A 66 -12.35 12.27 1.73
CA VAL A 66 -12.66 12.47 0.33
C VAL A 66 -11.37 12.73 -0.48
N VAL A 67 -11.16 11.89 -1.50
CA VAL A 67 -10.07 11.99 -2.49
C VAL A 67 -10.63 12.17 -3.92
N GLU A 68 -9.83 12.72 -4.85
CA GLU A 68 -10.29 12.87 -6.23
C GLU A 68 -10.32 11.49 -6.88
N HIS A 69 -9.18 10.79 -6.88
CA HIS A 69 -9.08 9.44 -7.39
C HIS A 69 -8.53 8.65 -6.23
N ARG A 70 -8.70 7.30 -6.27
CA ARG A 70 -8.20 6.34 -5.28
C ARG A 70 -6.69 6.44 -5.08
N ASP A 71 -5.91 6.51 -6.20
CA ASP A 71 -4.44 6.56 -6.22
C ASP A 71 -3.82 7.76 -5.48
N ARG A 72 -4.63 8.79 -5.13
CA ARG A 72 -4.12 9.96 -4.41
C ARG A 72 -3.93 9.63 -2.94
N LEU A 73 -4.75 8.71 -2.43
CA LEU A 73 -4.65 8.27 -1.06
C LEU A 73 -3.51 7.27 -0.96
N ALA A 74 -3.34 6.41 -1.98
CA ALA A 74 -2.27 5.38 -2.12
C ALA A 74 -2.36 4.68 -3.48
N ARG A 75 -1.19 4.46 -4.12
CA ARG A 75 -1.06 3.73 -5.39
C ARG A 75 -1.40 2.25 -5.13
N PHE A 76 -1.05 1.73 -3.90
CA PHE A 76 -1.31 0.36 -3.42
C PHE A 76 -1.82 0.35 -1.95
N GLY A 77 -2.70 -0.62 -1.66
CA GLY A 77 -3.24 -0.90 -0.33
C GLY A 77 -4.54 -0.25 0.12
N VAL A 78 -5.17 0.58 -0.76
CA VAL A 78 -6.40 1.34 -0.44
C VAL A 78 -7.51 0.43 0.07
N GLU A 79 -7.71 -0.74 -0.56
CA GLU A 79 -8.72 -1.71 -0.14
C GLU A 79 -8.55 -2.14 1.34
N HIS A 80 -7.27 -2.23 1.82
CA HIS A 80 -6.92 -2.61 3.19
C HIS A 80 -7.15 -1.48 4.18
N LEU A 81 -6.86 -0.22 3.77
CA LEU A 81 -7.12 0.98 4.56
C LEU A 81 -8.63 1.08 4.79
N GLU A 82 -9.45 0.89 3.71
CA GLU A 82 -10.92 0.91 3.74
C GLU A 82 -11.44 -0.13 4.70
N ALA A 83 -10.83 -1.34 4.68
CA ALA A 83 -11.16 -2.43 5.58
C ALA A 83 -10.89 -2.07 7.03
N ALA A 84 -9.70 -1.56 7.33
CA ALA A 84 -9.34 -1.13 8.69
C ALA A 84 -10.29 -0.01 9.20
N LEU A 85 -10.60 0.99 8.34
CA LEU A 85 -11.45 2.14 8.66
C LEU A 85 -12.91 1.73 8.88
N SER A 86 -13.42 0.81 8.02
CA SER A 86 -14.76 0.27 8.10
C SER A 86 -15.04 -0.22 9.52
N ALA A 87 -14.10 -0.99 10.14
CA ALA A 87 -14.18 -1.49 11.53
C ALA A 87 -14.45 -0.35 12.59
N GLN A 88 -14.11 0.92 12.25
CA GLN A 88 -14.31 2.06 13.13
C GLN A 88 -15.41 3.01 12.59
N GLY A 89 -16.21 2.52 11.64
CA GLY A 89 -17.31 3.25 11.00
C GLY A 89 -16.91 4.49 10.23
N ARG A 90 -15.66 4.52 9.76
CA ARG A 90 -15.06 5.60 8.97
C ARG A 90 -14.90 5.08 7.53
N ARG A 91 -14.96 6.00 6.55
CA ARG A 91 -14.85 5.60 5.14
C ARG A 91 -14.12 6.59 4.23
N ILE A 92 -13.68 6.08 3.07
CA ILE A 92 -13.00 6.81 2.01
C ILE A 92 -14.00 7.03 0.87
N VAL A 93 -14.19 8.29 0.48
CA VAL A 93 -15.07 8.62 -0.64
C VAL A 93 -14.19 9.01 -1.85
N VAL A 94 -14.52 8.49 -3.05
CA VAL A 94 -13.80 8.81 -4.30
C VAL A 94 -14.73 9.66 -5.16
N ALA A 95 -14.33 10.91 -5.41
CA ALA A 95 -15.11 11.92 -6.16
C ALA A 95 -15.14 11.74 -7.68
N ASP A 96 -14.17 10.99 -8.24
CA ASP A 96 -14.03 10.74 -9.68
C ASP A 96 -13.37 9.36 -9.93
N PRO A 97 -13.84 8.59 -10.93
CA PRO A 97 -13.19 7.30 -11.22
C PRO A 97 -11.99 7.47 -12.16
N ASP A 102 -0.43 12.94 -14.00
CA ASP A 102 -0.12 11.52 -13.94
C ASP A 102 1.31 11.26 -13.40
N ASP A 103 1.38 10.76 -12.16
CA ASP A 103 2.60 10.53 -11.37
C ASP A 103 3.23 9.13 -11.54
N LEU A 104 2.52 8.24 -12.24
CA LEU A 104 2.76 6.80 -12.40
C LEU A 104 4.19 6.39 -12.81
N VAL A 105 4.75 7.06 -13.83
CA VAL A 105 6.09 6.84 -14.36
C VAL A 105 7.15 7.22 -13.31
N CYS A 106 6.89 8.27 -12.53
CA CYS A 106 7.75 8.67 -11.43
C CYS A 106 7.62 7.69 -10.29
N ASP A 107 6.43 7.04 -10.17
CA ASP A 107 6.15 6.03 -9.14
C ASP A 107 6.77 4.69 -9.53
N MET A 108 6.96 4.45 -10.85
CA MET A 108 7.60 3.25 -11.42
C MET A 108 9.10 3.29 -11.06
N ILE A 109 9.71 4.50 -11.09
CA ILE A 109 11.11 4.71 -10.73
C ILE A 109 11.31 4.56 -9.22
N GLU A 110 10.50 5.23 -8.35
CA GLU A 110 10.68 5.10 -6.89
C GLU A 110 10.46 3.66 -6.38
N VAL A 111 9.61 2.86 -7.08
CA VAL A 111 9.36 1.45 -6.78
C VAL A 111 10.60 0.64 -7.11
N LEU A 112 11.04 0.72 -8.37
CA LEU A 112 12.21 0.01 -8.87
C LEU A 112 13.47 0.39 -8.12
N THR A 113 13.64 1.68 -7.72
CA THR A 113 14.82 2.12 -6.95
C THR A 113 14.89 1.33 -5.63
N GLY A 114 13.82 1.39 -4.84
CA GLY A 114 13.73 0.72 -3.53
C GLY A 114 13.86 -0.78 -3.58
N MET A 115 13.29 -1.39 -4.63
CA MET A 115 13.34 -2.83 -4.87
C MET A 115 14.74 -3.24 -5.35
N CYS A 116 15.44 -2.35 -6.10
CA CYS A 116 16.84 -2.55 -6.57
C CYS A 116 17.80 -2.40 -5.41
N ALA A 117 17.54 -1.43 -4.52
CA ALA A 117 18.35 -1.16 -3.34
C ALA A 117 18.38 -2.42 -2.48
N ARG A 118 17.19 -3.00 -2.20
CA ARG A 118 17.02 -4.21 -1.37
C ARG A 118 17.71 -5.41 -2.01
N LEU A 119 17.65 -5.50 -3.35
CA LEU A 119 18.22 -6.60 -4.11
C LEU A 119 19.71 -6.55 -4.36
N TYR A 120 20.25 -5.42 -4.87
CA TYR A 120 21.67 -5.38 -5.26
C TYR A 120 22.50 -4.30 -4.59
N GLY A 121 21.94 -3.66 -3.57
CA GLY A 121 22.60 -2.57 -2.84
C GLY A 121 22.15 -1.20 -3.32
N ARG A 122 22.12 -0.21 -2.39
CA ARG A 122 21.69 1.16 -2.67
C ARG A 122 22.55 1.88 -3.71
N ARG A 123 23.85 1.53 -3.84
CA ARG A 123 24.81 2.12 -4.78
C ARG A 123 24.35 1.92 -6.22
N GLY A 124 23.97 3.04 -6.84
CA GLY A 124 23.45 3.06 -8.21
C GLY A 124 22.05 2.51 -8.40
N ALA A 125 21.29 2.23 -7.32
CA ALA A 125 19.94 1.66 -7.39
C ALA A 125 18.94 2.47 -8.25
N ARG A 126 19.07 3.80 -8.26
CA ARG A 126 18.22 4.66 -9.07
C ARG A 126 18.64 4.62 -10.56
N ASN A 127 19.94 4.49 -10.83
CA ASN A 127 20.43 4.36 -12.20
C ASN A 127 19.93 3.05 -12.84
N ARG A 128 19.84 1.95 -12.03
CA ARG A 128 19.30 0.64 -12.42
C ARG A 128 17.82 0.82 -12.76
N ALA A 129 17.02 1.37 -11.83
CA ALA A 129 15.60 1.70 -12.01
C ALA A 129 15.35 2.55 -13.27
N MET A 130 16.27 3.48 -13.60
CA MET A 130 16.18 4.38 -14.76
C MET A 130 16.32 3.64 -16.08
N ARG A 131 17.29 2.71 -16.18
CA ARG A 131 17.52 1.89 -17.39
C ARG A 131 16.36 0.90 -17.55
N ALA A 132 15.78 0.46 -16.42
CA ALA A 132 14.66 -0.48 -16.36
C ALA A 132 13.37 0.15 -16.87
N VAL A 133 12.99 1.36 -16.36
CA VAL A 133 11.80 2.11 -16.78
C VAL A 133 11.92 2.42 -18.28
N THR A 134 13.16 2.57 -18.75
CA THR A 134 13.52 2.84 -20.13
C THR A 134 13.28 1.59 -21.01
N GLU A 135 13.76 0.39 -20.60
CA GLU A 135 13.57 -0.87 -21.36
C GLU A 135 12.09 -1.30 -21.49
N ALA A 136 11.25 -0.79 -20.58
CA ALA A 136 9.81 -1.03 -20.53
C ALA A 136 9.08 0.14 -21.17
N LYS A 137 9.45 0.46 -22.42
CA LYS A 137 8.88 1.54 -23.24
C LYS A 137 8.80 1.18 -24.74
N ARG A 138 9.55 0.14 -25.18
CA ARG A 138 9.63 -0.28 -26.59
C ARG A 138 8.53 -1.27 -27.08
N GLU A 139 8.48 -2.51 -26.52
CA GLU A 139 7.57 -3.62 -26.85
C GLU A 139 7.80 -4.17 -28.27
N GLY B 1 -7.66 -12.99 21.15
CA GLY B 1 -7.89 -11.70 20.49
C GLY B 1 -6.67 -11.13 19.77
N VAL B 2 -5.78 -12.06 19.41
CA VAL B 2 -4.49 -11.94 18.75
C VAL B 2 -4.62 -12.83 17.51
N VAL B 3 -4.25 -12.29 16.36
CA VAL B 3 -4.35 -13.00 15.07
C VAL B 3 -2.96 -13.23 14.56
N LEU B 4 -2.62 -14.47 14.25
CA LEU B 4 -1.32 -14.76 13.67
C LEU B 4 -1.61 -14.83 12.18
N TYR B 5 -0.84 -14.08 11.37
CA TYR B 5 -1.09 -14.02 9.93
C TYR B 5 0.16 -14.29 9.09
N ALA B 6 0.06 -15.26 8.16
CA ALA B 6 1.09 -15.77 7.24
C ALA B 6 0.65 -15.55 5.80
N ARG B 7 1.56 -15.05 4.96
CA ARG B 7 1.28 -14.82 3.55
C ARG B 7 2.41 -15.29 2.62
N VAL B 8 2.01 -15.79 1.46
CA VAL B 8 2.88 -16.23 0.38
C VAL B 8 2.25 -15.78 -1.00
N SER B 9 3.09 -15.42 -1.99
CA SER B 9 2.65 -14.93 -3.31
C SER B 9 2.00 -15.97 -4.23
N SER B 10 2.70 -17.08 -4.45
CA SER B 10 2.26 -18.18 -5.32
C SER B 10 2.17 -19.47 -4.52
N HIS B 11 1.26 -20.39 -4.91
CA HIS B 11 1.15 -21.66 -4.21
C HIS B 11 2.24 -22.64 -4.66
N ASP B 12 3.45 -22.10 -4.86
CA ASP B 12 4.72 -22.74 -5.19
C ASP B 12 5.62 -22.55 -3.95
N ARG B 13 5.42 -21.40 -3.25
CA ARG B 13 6.15 -20.99 -2.05
C ARG B 13 5.55 -21.50 -0.72
N ARG B 14 4.64 -22.49 -0.78
CA ARG B 14 3.94 -23.08 0.37
C ARG B 14 4.87 -23.56 1.51
N SER B 15 6.19 -23.64 1.25
CA SER B 15 7.22 -24.00 2.23
C SER B 15 7.59 -22.78 3.11
N ASP B 16 7.55 -21.58 2.54
CA ASP B 16 7.80 -20.33 3.26
C ASP B 16 6.65 -20.00 4.25
N LEU B 17 5.47 -20.59 3.99
CA LEU B 17 4.29 -20.51 4.84
C LEU B 17 4.54 -21.34 6.14
N ASP B 18 5.26 -22.47 6.03
CA ASP B 18 5.59 -23.30 7.18
C ASP B 18 6.56 -22.57 8.09
N ARG B 19 7.55 -21.88 7.50
CA ARG B 19 8.56 -21.12 8.24
C ARG B 19 7.92 -19.97 9.03
N GLN B 20 6.84 -19.35 8.48
CA GLN B 20 6.05 -18.28 9.11
C GLN B 20 5.13 -18.81 10.25
N VAL B 21 4.36 -19.87 9.99
CA VAL B 21 3.51 -20.48 11.03
C VAL B 21 4.36 -20.91 12.23
N ALA B 22 5.55 -21.51 11.97
CA ALA B 22 6.46 -21.96 13.01
C ALA B 22 6.99 -20.81 13.86
N ARG B 23 7.57 -19.80 13.19
CA ARG B 23 8.08 -18.61 13.88
C ARG B 23 6.93 -17.89 14.65
N LEU B 24 5.71 -17.78 14.04
CA LEU B 24 4.52 -17.16 14.66
C LEU B 24 3.98 -17.85 15.91
N THR B 25 4.00 -19.20 15.95
CA THR B 25 3.54 -19.94 17.12
C THR B 25 4.60 -19.96 18.18
N ALA B 26 5.88 -19.85 17.77
CA ALA B 26 6.98 -19.74 18.73
C ALA B 26 6.79 -18.42 19.46
N TRP B 27 6.43 -17.35 18.70
CA TRP B 27 6.17 -16.00 19.21
C TRP B 27 5.06 -16.08 20.25
N ALA B 28 3.88 -16.62 19.87
CA ALA B 28 2.74 -16.75 20.75
C ALA B 28 2.97 -17.57 22.01
N THR B 29 3.65 -18.75 21.94
CA THR B 29 3.92 -19.62 23.10
C THR B 29 4.90 -19.02 24.10
N GLU B 30 5.86 -18.19 23.62
CA GLU B 30 6.86 -17.48 24.44
C GLU B 30 6.19 -16.55 25.44
N ARG B 31 5.03 -15.96 25.07
CA ARG B 31 4.23 -15.06 25.93
C ARG B 31 2.96 -15.76 26.46
N ASP B 32 2.94 -17.12 26.39
CA ASP B 32 1.81 -18.02 26.69
C ASP B 32 0.49 -17.32 26.37
N LEU B 33 0.25 -17.11 25.06
CA LEU B 33 -0.90 -16.42 24.50
C LEU B 33 -1.84 -17.33 23.72
N GLY B 34 -3.13 -17.14 23.95
CA GLY B 34 -4.19 -17.84 23.23
C GLY B 34 -4.28 -17.28 21.82
N VAL B 35 -4.39 -18.17 20.83
CA VAL B 35 -4.48 -17.75 19.44
C VAL B 35 -5.83 -18.14 18.89
N GLY B 36 -6.52 -17.12 18.36
CA GLY B 36 -7.84 -17.22 17.74
C GLY B 36 -7.76 -17.64 16.29
N VAL B 38 -3.67 -19.64 13.45
CA VAL B 38 -2.80 -19.04 12.41
C VAL B 38 -3.46 -18.88 10.99
N VAL B 39 -3.75 -17.64 10.56
CA VAL B 39 -4.32 -17.39 9.22
C VAL B 39 -3.24 -17.46 8.15
N CYS B 40 -3.39 -18.40 7.20
CA CYS B 40 -2.47 -18.59 6.09
C CYS B 40 -3.15 -18.12 4.84
N GLU B 41 -2.48 -17.23 4.09
CA GLU B 41 -3.03 -16.67 2.87
C GLU B 41 -2.05 -16.73 1.70
N VAL B 42 -2.59 -17.01 0.50
CA VAL B 42 -1.88 -17.00 -0.79
C VAL B 42 -2.43 -15.80 -1.57
N GLY B 43 -1.55 -14.86 -1.84
CA GLY B 43 -1.95 -13.63 -2.52
C GLY B 43 -0.85 -12.60 -2.67
N SER B 44 -1.15 -11.59 -3.51
CA SER B 44 -0.32 -10.45 -3.92
C SER B 44 0.19 -9.62 -2.76
N GLY B 45 1.43 -9.17 -2.86
CA GLY B 45 2.04 -8.29 -1.86
C GLY B 45 1.44 -6.88 -1.88
N LEU B 46 0.41 -6.69 -2.74
CA LEU B 46 -0.33 -5.43 -2.95
C LEU B 46 -1.82 -5.66 -2.70
N GLY B 48 -3.17 -6.80 -5.46
CA GLY B 48 -4.23 -7.80 -5.65
C GLY B 48 -4.94 -8.22 -4.39
N LYS B 49 -6.25 -8.58 -4.53
CA LYS B 49 -7.20 -8.98 -3.46
C LYS B 49 -6.70 -10.07 -2.49
N ARG B 50 -7.00 -9.86 -1.19
CA ARG B 50 -6.66 -10.74 -0.08
C ARG B 50 -7.81 -10.67 0.90
N PRO B 51 -8.81 -11.54 0.69
CA PRO B 51 -10.03 -11.50 1.53
C PRO B 51 -9.86 -11.94 2.98
N LYS B 52 -8.80 -12.74 3.27
CA LYS B 52 -8.49 -13.20 4.62
C LYS B 52 -8.01 -12.01 5.46
N LEU B 53 -7.12 -11.14 4.87
CA LEU B 53 -6.60 -9.93 5.54
C LEU B 53 -7.67 -8.84 5.63
N ARG B 54 -8.56 -8.78 4.63
CA ARG B 54 -9.69 -7.86 4.60
C ARG B 54 -10.58 -8.17 5.81
N ARG B 55 -10.97 -9.44 5.97
CA ARG B 55 -11.78 -9.93 7.08
C ARG B 55 -11.13 -9.58 8.43
N ILE B 56 -9.81 -9.82 8.56
CA ILE B 56 -9.00 -9.53 9.76
C ILE B 56 -9.03 -8.01 10.06
N LEU B 57 -8.73 -7.16 9.05
CA LEU B 57 -8.69 -5.71 9.24
C LEU B 57 -10.07 -5.12 9.53
N SER B 58 -11.13 -5.68 8.93
CA SER B 58 -12.50 -5.20 9.16
C SER B 58 -13.08 -5.68 10.49
N ASP B 59 -12.45 -6.69 11.16
CA ASP B 59 -12.90 -7.21 12.45
C ASP B 59 -12.28 -6.38 13.58
N PRO B 60 -13.08 -5.57 14.33
CA PRO B 60 -12.50 -4.75 15.41
C PRO B 60 -11.97 -5.53 16.60
N ASP B 61 -12.33 -6.83 16.70
CA ASP B 61 -11.90 -7.74 17.77
C ASP B 61 -10.44 -8.15 17.61
N ALA B 62 -9.90 -8.07 16.36
CA ALA B 62 -8.52 -8.39 16.01
C ALA B 62 -7.67 -7.19 16.45
N ARG B 63 -7.40 -7.13 17.76
CA ARG B 63 -6.68 -6.03 18.40
C ARG B 63 -5.20 -6.10 18.09
N VAL B 64 -4.65 -7.32 18.02
CA VAL B 64 -3.25 -7.55 17.72
C VAL B 64 -3.12 -8.44 16.49
N ILE B 65 -2.41 -7.97 15.47
CA ILE B 65 -2.17 -8.68 14.23
C ILE B 65 -0.68 -8.91 14.13
N VAL B 66 -0.28 -10.17 14.27
CA VAL B 66 1.11 -10.58 14.26
C VAL B 66 1.52 -11.17 12.89
N VAL B 67 2.58 -10.59 12.31
CA VAL B 67 3.22 -11.03 11.05
C VAL B 67 4.72 -11.38 11.26
N GLU B 68 5.34 -12.14 10.35
CA GLU B 68 6.78 -12.44 10.51
C GLU B 68 7.63 -11.20 10.24
N HIS B 69 7.44 -10.58 9.07
CA HIS B 69 8.11 -9.37 8.60
C HIS B 69 6.98 -8.48 8.15
N ARG B 70 7.23 -7.16 8.13
CA ARG B 70 6.28 -6.10 7.70
C ARG B 70 5.69 -6.38 6.34
N ASP B 71 6.55 -6.71 5.36
CA ASP B 71 6.20 -6.99 3.96
C ASP B 71 5.18 -8.12 3.75
N ARG B 72 4.92 -8.96 4.77
CA ARG B 72 3.93 -10.05 4.64
C ARG B 72 2.49 -9.49 4.77
N LEU B 73 2.34 -8.37 5.48
CA LEU B 73 1.05 -7.72 5.62
C LEU B 73 0.80 -6.86 4.38
N ALA B 74 1.86 -6.21 3.84
CA ALA B 74 1.83 -5.37 2.62
C ALA B 74 3.23 -4.90 2.25
N ARG B 75 3.56 -4.98 0.95
CA ARG B 75 4.82 -4.52 0.38
C ARG B 75 4.88 -2.98 0.51
N PHE B 76 3.69 -2.31 0.39
CA PHE B 76 3.49 -0.84 0.51
C PHE B 76 2.26 -0.47 1.36
N GLY B 77 2.39 0.64 2.10
CA GLY B 77 1.33 1.25 2.90
C GLY B 77 1.13 0.85 4.34
N VAL B 78 2.02 -0.05 4.88
CA VAL B 78 1.92 -0.57 6.25
C VAL B 78 1.84 0.56 7.30
N GLU B 79 2.65 1.61 7.14
CA GLU B 79 2.63 2.75 8.05
C GLU B 79 1.24 3.42 8.17
N HIS B 80 0.47 3.43 7.04
CA HIS B 80 -0.88 4.01 6.95
C HIS B 80 -1.93 3.11 7.59
N LEU B 81 -1.78 1.77 7.41
CA LEU B 81 -2.64 0.77 8.05
C LEU B 81 -2.50 0.90 9.56
N GLU B 82 -1.23 0.99 10.07
CA GLU B 82 -0.88 1.13 11.49
C GLU B 82 -1.51 2.38 12.04
N ALA B 83 -1.46 3.50 11.26
CA ALA B 83 -2.06 4.78 11.63
C ALA B 83 -3.58 4.65 11.76
N ALA B 84 -4.25 4.06 10.76
CA ALA B 84 -5.70 3.86 10.79
C ALA B 84 -6.12 2.98 12.00
N LEU B 85 -5.37 1.86 12.25
CA LEU B 85 -5.62 0.90 13.34
C LEU B 85 -5.42 1.51 14.72
N SER B 86 -4.33 2.32 14.86
CA SER B 86 -3.96 3.01 16.08
C SER B 86 -5.18 3.77 16.62
N ALA B 87 -5.89 4.54 15.73
CA ALA B 87 -7.13 5.28 16.05
C ALA B 87 -8.25 4.40 16.72
N GLN B 88 -8.19 3.06 16.53
CA GLN B 88 -9.15 2.13 17.11
C GLN B 88 -8.50 1.24 18.20
N GLY B 89 -7.29 1.64 18.64
CA GLY B 89 -6.51 0.94 19.68
C GLY B 89 -6.07 -0.46 19.33
N ARG B 90 -5.94 -0.71 18.02
CA ARG B 90 -5.51 -1.98 17.43
C ARG B 90 -4.10 -1.77 16.85
N ARG B 91 -3.27 -2.84 16.84
CA ARG B 91 -1.89 -2.72 16.35
C ARG B 91 -1.37 -3.97 15.60
N ILE B 92 -0.30 -3.73 14.82
CA ILE B 92 0.44 -4.72 14.04
C ILE B 92 1.74 -5.02 14.77
N VAL B 93 1.99 -6.30 15.06
CA VAL B 93 3.23 -6.71 15.72
C VAL B 93 4.09 -7.42 14.69
N VAL B 94 5.40 -7.10 14.65
CA VAL B 94 6.36 -7.71 13.72
C VAL B 94 7.29 -8.59 14.55
N ALA B 95 7.23 -9.91 14.30
CA ALA B 95 8.00 -10.94 15.04
C ALA B 95 9.48 -11.02 14.70
N ASP B 96 9.88 -10.51 13.51
CA ASP B 96 11.26 -10.51 13.00
C ASP B 96 11.54 -9.31 12.10
N PRO B 97 12.72 -8.65 12.21
CA PRO B 97 13.03 -7.55 11.30
C PRO B 97 13.63 -8.09 9.98
N ASP B 102 13.23 -14.20 -0.70
CA ASP B 102 12.47 -13.04 -1.13
C ASP B 102 11.55 -13.34 -2.32
N ASP B 103 10.35 -12.75 -2.27
CA ASP B 103 9.35 -12.85 -3.35
C ASP B 103 9.23 -11.50 -4.08
N LEU B 104 10.12 -10.55 -3.69
CA LEU B 104 10.32 -9.19 -4.16
C LEU B 104 10.40 -9.06 -5.69
N VAL B 105 11.18 -9.94 -6.35
CA VAL B 105 11.39 -9.97 -7.80
C VAL B 105 10.07 -10.30 -8.52
N CYS B 106 9.29 -11.21 -7.92
CA CYS B 106 7.98 -11.62 -8.40
C CYS B 106 6.96 -10.51 -8.14
N ASP B 107 7.25 -9.61 -7.19
CA ASP B 107 6.41 -8.46 -6.84
C ASP B 107 6.80 -7.26 -7.72
N MET B 108 8.06 -7.20 -8.19
CA MET B 108 8.61 -6.16 -9.08
C MET B 108 7.93 -6.30 -10.45
N ILE B 109 7.69 -7.55 -10.90
CA ILE B 109 7.02 -7.86 -12.17
C ILE B 109 5.54 -7.49 -12.07
N GLU B 110 4.87 -7.92 -10.97
CA GLU B 110 3.48 -7.72 -10.57
C GLU B 110 3.08 -6.25 -10.60
N VAL B 111 4.01 -5.37 -10.22
CA VAL B 111 3.91 -3.92 -10.12
C VAL B 111 4.12 -3.26 -11.47
N LEU B 112 5.25 -3.58 -12.12
CA LEU B 112 5.60 -3.06 -13.44
C LEU B 112 4.57 -3.44 -14.49
N THR B 113 3.99 -4.66 -14.42
CA THR B 113 2.94 -5.07 -15.37
C THR B 113 1.76 -4.08 -15.30
N GLY B 114 1.17 -3.91 -14.11
CA GLY B 114 0.04 -3.02 -13.84
C GLY B 114 0.28 -1.56 -14.18
N MET B 115 1.50 -1.09 -13.91
CA MET B 115 1.94 0.27 -14.19
C MET B 115 2.18 0.44 -15.68
N CYS B 116 2.63 -0.61 -16.39
CA CYS B 116 2.82 -0.64 -17.86
C CYS B 116 1.47 -0.69 -18.57
N ALA B 117 0.51 -1.48 -18.02
CA ALA B 117 -0.84 -1.65 -18.56
C ALA B 117 -1.60 -0.31 -18.54
N ARG B 118 -1.41 0.49 -17.47
CA ARG B 118 -2.03 1.82 -17.31
C ARG B 118 -1.35 2.82 -18.26
N LEU B 119 -0.04 2.70 -18.46
CA LEU B 119 0.74 3.60 -19.29
C LEU B 119 0.66 3.35 -20.80
N TYR B 120 0.88 2.10 -21.26
CA TYR B 120 0.96 1.84 -22.70
C TYR B 120 -0.01 0.81 -23.24
N GLY B 121 -0.97 0.41 -22.41
CA GLY B 121 -1.97 -0.60 -22.76
C GLY B 121 -1.60 -1.98 -22.25
N ARG B 122 -2.62 -2.79 -21.92
CA ARG B 122 -2.46 -4.14 -21.37
C ARG B 122 -1.73 -5.11 -22.30
N ARG B 123 -1.82 -4.90 -23.64
CA ARG B 123 -1.21 -5.76 -24.66
C ARG B 123 0.30 -5.75 -24.51
N GLY B 124 0.84 -6.90 -24.10
CA GLY B 124 2.27 -7.08 -23.86
C GLY B 124 2.85 -6.41 -22.62
N ALA B 125 1.98 -5.88 -21.72
CA ALA B 125 2.40 -5.19 -20.49
C ALA B 125 3.34 -6.01 -19.57
N ARG B 126 3.15 -7.34 -19.53
CA ARG B 126 3.99 -8.24 -18.74
C ARG B 126 5.35 -8.45 -19.44
N ASN B 127 5.37 -8.52 -20.77
CA ASN B 127 6.62 -8.64 -21.53
C ASN B 127 7.51 -7.40 -21.33
N ARG B 128 6.91 -6.18 -21.24
CA ARG B 128 7.57 -4.89 -20.94
C ARG B 128 8.18 -4.97 -19.52
N ALA B 129 7.35 -5.29 -18.51
CA ALA B 129 7.76 -5.50 -17.11
C ALA B 129 8.91 -6.51 -16.99
N MET B 130 8.91 -7.58 -17.83
CA MET B 130 9.92 -8.64 -17.84
C MET B 130 11.29 -8.15 -18.31
N ARG B 131 11.33 -7.33 -19.38
CA ARG B 131 12.56 -6.75 -19.92
C ARG B 131 13.11 -5.74 -18.90
N ALA B 132 12.20 -5.05 -18.18
CA ALA B 132 12.53 -4.05 -17.17
C ALA B 132 13.20 -4.67 -15.94
N VAL B 133 12.56 -5.73 -15.35
CA VAL B 133 13.03 -6.50 -14.18
C VAL B 133 14.40 -7.14 -14.48
N THR B 134 14.66 -7.36 -15.79
CA THR B 134 15.88 -7.91 -16.38
C THR B 134 16.99 -6.84 -16.48
N GLU B 135 16.67 -5.62 -17.01
CA GLU B 135 17.65 -4.51 -17.14
C GLU B 135 18.17 -4.00 -15.78
N ALA B 136 17.40 -4.27 -14.71
CA ALA B 136 17.72 -3.89 -13.35
C ALA B 136 18.31 -5.11 -12.62
N LYS B 137 19.40 -5.65 -13.20
CA LYS B 137 20.16 -6.81 -12.70
C LYS B 137 21.68 -6.69 -12.98
N ARG B 138 22.10 -5.77 -13.88
CA ARG B 138 23.50 -5.53 -14.27
C ARG B 138 24.28 -4.57 -13.35
#